data_4NY7
#
_entry.id   4NY7
#
_cell.length_a   70.998
_cell.length_b   116.020
_cell.length_c   67.520
_cell.angle_alpha   90.00
_cell.angle_beta   90.00
_cell.angle_gamma   90.00
#
_symmetry.space_group_name_H-M   'P 21 21 2'
#
loop_
_entity.id
_entity.type
_entity.pdbx_description
1 polymer 'Pyrroloquinoline-quinone synthase'
2 non-polymer 'PYRROLOQUINOLINE QUINONE'
3 non-polymer GLYCEROL
4 non-polymer 'CHLORIDE ION'
5 water water
#
_entity_poly.entity_id   1
_entity_poly.type   'polypeptide(L)'
_entity_poly.pdbx_seq_one_letter_code
;MLITDTLSPQAFEEALRAKGDFYHIHHPYHIAMHNGNATREQIQGWVANRFYYQTTIPLKDAAIMANCPDAQTRRKWVQR
ILDHDGSHGEDGGIEAWLRLGEAVGLSRDDLLSERHVLPGVRFAVDAYLNFARRACWQEAACSSLTELFAPQIHQSRLDS
WPQHYPWIKEEGYFFFRSRLSQANRDVEHGLALAKAYCDSAEKQNRMLEILQFKLDILWSMLDAMTMAYALQRPPYHTVT
DKAAWHTTRLVLEHHHHH
;
_entity_poly.pdbx_strand_id   A,B
#
loop_
_chem_comp.id
_chem_comp.type
_chem_comp.name
_chem_comp.formula
CL non-polymer 'CHLORIDE ION' 'Cl -1'
GOL non-polymer GLYCEROL 'C3 H8 O3'
PQQ non-polymer 'PYRROLOQUINOLINE QUINONE' 'C14 H6 N2 O8'
#
# COMPACT_ATOMS: atom_id res chain seq x y z
N LEU A 2 -7.79 -3.84 -25.09
CA LEU A 2 -6.40 -3.95 -25.55
C LEU A 2 -6.35 -3.30 -26.94
N ILE A 3 -5.34 -2.50 -27.13
CA ILE A 3 -5.00 -1.94 -28.43
C ILE A 3 -4.10 -2.91 -29.20
N THR A 4 -4.46 -3.23 -30.43
CA THR A 4 -3.61 -4.09 -31.27
C THR A 4 -2.95 -3.25 -32.35
N ASP A 5 -3.75 -2.34 -32.93
CA ASP A 5 -3.15 -1.46 -33.92
C ASP A 5 -3.00 -0.07 -33.29
N THR A 6 -1.80 0.47 -33.30
CA THR A 6 -1.46 1.74 -32.67
C THR A 6 -2.49 2.82 -32.99
N LEU A 7 -3.02 3.41 -31.93
CA LEU A 7 -3.99 4.48 -32.09
C LEU A 7 -3.28 5.76 -32.49
N SER A 8 -3.94 6.61 -33.25
CA SER A 8 -3.40 7.93 -33.48
C SER A 8 -3.34 8.69 -32.17
N PRO A 9 -2.54 9.75 -32.16
CA PRO A 9 -2.45 10.55 -30.93
C PRO A 9 -3.80 11.03 -30.42
N GLN A 10 -4.66 11.44 -31.37
CA GLN A 10 -5.96 11.99 -30.94
C GLN A 10 -6.83 10.88 -30.38
N ALA A 11 -6.93 9.69 -30.89
CA ALA A 11 -7.64 8.52 -30.51
C ALA A 11 -7.04 8.05 -29.19
N PHE A 12 -5.72 8.10 -29.04
CA PHE A 12 -5.13 7.71 -27.77
C PHE A 12 -5.52 8.63 -26.63
N GLU A 13 -5.59 9.93 -26.86
CA GLU A 13 -6.12 10.84 -25.84
C GLU A 13 -7.49 10.40 -25.36
N GLU A 14 -8.37 10.01 -26.30
CA GLU A 14 -9.73 9.63 -25.90
C GLU A 14 -9.73 8.31 -25.12
N ALA A 15 -8.81 7.37 -25.45
CA ALA A 15 -8.68 6.15 -24.64
C ALA A 15 -8.21 6.48 -23.22
N LEU A 16 -7.32 7.49 -23.08
CA LEU A 16 -6.90 7.91 -21.76
C LEU A 16 -8.10 8.50 -20.99
N ARG A 17 -8.88 9.33 -21.69
CA ARG A 17 -10.03 9.95 -21.04
C ARG A 17 -11.08 8.93 -20.62
N ALA A 18 -11.16 7.84 -21.38
CA ALA A 18 -12.16 6.79 -21.07
C ALA A 18 -11.88 6.13 -19.71
N LYS A 19 -10.65 6.19 -19.20
CA LYS A 19 -10.33 5.65 -17.88
C LYS A 19 -11.05 6.42 -16.80
N GLY A 20 -11.61 7.59 -17.11
CA GLY A 20 -12.39 8.29 -16.12
C GLY A 20 -13.61 7.57 -15.60
N ASP A 21 -14.01 6.52 -16.32
CA ASP A 21 -15.06 5.67 -15.86
C ASP A 21 -14.73 5.02 -14.52
N PHE A 22 -13.46 4.91 -14.22
CA PHE A 22 -13.00 4.36 -12.94
C PHE A 22 -12.53 5.39 -11.92
N TYR A 23 -12.78 6.68 -12.18
CA TYR A 23 -12.31 7.68 -11.23
C TYR A 23 -13.07 7.60 -9.92
N HIS A 24 -12.41 8.07 -8.87
CA HIS A 24 -12.89 7.93 -7.50
C HIS A 24 -14.10 8.79 -7.18
N ILE A 25 -14.53 9.61 -8.13
CA ILE A 25 -15.87 10.23 -8.02
C ILE A 25 -16.97 9.19 -7.91
N HIS A 26 -16.72 7.93 -8.32
CA HIS A 26 -17.69 6.86 -8.27
C HIS A 26 -17.55 6.03 -7.00
N HIS A 27 -16.59 6.37 -6.12
CA HIS A 27 -16.45 5.64 -4.87
C HIS A 27 -17.57 5.99 -3.88
N PRO A 28 -18.22 5.04 -3.23
CA PRO A 28 -19.29 5.38 -2.27
C PRO A 28 -18.98 6.39 -1.21
N TYR A 29 -17.85 6.56 -0.59
CA TYR A 29 -17.27 7.50 0.30
C TYR A 29 -17.43 8.89 -0.32
N HIS A 30 -17.04 9.08 -1.56
CA HIS A 30 -17.25 10.33 -2.29
CA HIS A 30 -17.26 10.40 -2.18
C HIS A 30 -18.74 10.62 -2.48
N ILE A 31 -19.46 9.59 -2.94
CA ILE A 31 -20.89 9.76 -3.19
C ILE A 31 -21.65 10.15 -1.93
N ALA A 32 -21.31 9.57 -0.77
CA ALA A 32 -21.93 9.91 0.48
C ALA A 32 -21.66 11.36 0.85
N MET A 33 -20.42 11.79 0.61
CA MET A 33 -20.12 13.20 0.89
C MET A 33 -20.96 14.10 -0.03
N HIS A 34 -20.99 13.73 -1.31
CA HIS A 34 -21.71 14.55 -2.28
C HIS A 34 -23.19 14.66 -1.99
N ASN A 35 -23.75 13.58 -1.51
CA ASN A 35 -25.17 13.48 -1.25
CA ASN A 35 -25.21 13.61 -1.31
C ASN A 35 -25.64 14.00 0.10
N GLY A 36 -24.70 14.42 0.91
CA GLY A 36 -25.00 15.00 2.21
C GLY A 36 -25.17 13.99 3.32
N ASN A 37 -24.65 12.79 3.09
CA ASN A 37 -24.76 11.71 4.04
C ASN A 37 -23.52 11.34 4.81
N ALA A 38 -22.47 12.10 4.57
CA ALA A 38 -21.25 11.86 5.31
C ALA A 38 -21.30 12.54 6.65
N THR A 39 -20.60 12.00 7.63
CA THR A 39 -20.51 12.63 8.94
C THR A 39 -19.35 13.60 9.01
N ARG A 40 -19.41 14.53 9.95
CA ARG A 40 -18.28 15.41 10.20
C ARG A 40 -17.01 14.61 10.46
N GLU A 41 -17.09 13.51 11.19
CA GLU A 41 -15.90 12.68 11.42
C GLU A 41 -15.28 12.14 10.15
N GLN A 42 -16.02 11.74 9.15
CA GLN A 42 -15.75 11.18 7.85
C GLN A 42 -15.15 12.33 7.04
N ILE A 43 -15.72 13.53 7.15
CA ILE A 43 -15.13 14.64 6.41
C ILE A 43 -13.78 15.00 6.99
N GLN A 44 -13.71 15.12 8.32
CA GLN A 44 -12.43 15.42 8.94
C GLN A 44 -11.37 14.39 8.60
N GLY A 45 -11.78 13.11 8.70
CA GLY A 45 -10.84 12.05 8.39
C GLY A 45 -10.34 12.12 6.96
N TRP A 46 -11.24 12.40 6.02
CA TRP A 46 -10.86 12.55 4.62
C TRP A 46 -9.88 13.68 4.45
N VAL A 47 -10.16 14.85 5.08
CA VAL A 47 -9.25 16.00 4.96
C VAL A 47 -7.87 15.63 5.51
N ALA A 48 -7.87 14.98 6.69
CA ALA A 48 -6.59 14.69 7.34
C ALA A 48 -5.77 13.68 6.54
N ASN A 49 -6.44 12.65 6.02
CA ASN A 49 -5.75 11.63 5.23
C ASN A 49 -5.35 12.13 3.86
N ARG A 50 -6.23 12.90 3.20
CA ARG A 50 -5.85 13.45 1.89
C ARG A 50 -4.68 14.41 2.00
N PHE A 51 -4.43 15.01 3.17
CA PHE A 51 -3.27 15.88 3.30
C PHE A 51 -1.99 15.09 3.03
N TYR A 52 -1.96 13.79 3.34
CA TYR A 52 -0.78 13.00 3.09
C TYR A 52 -0.54 12.89 1.57
N TYR A 53 -1.63 12.78 0.82
CA TYR A 53 -1.48 12.78 -0.64
C TYR A 53 -0.96 14.13 -1.13
N GLN A 54 -1.58 15.20 -0.64
CA GLN A 54 -1.21 16.55 -1.07
C GLN A 54 0.24 16.85 -0.77
N THR A 55 0.72 16.48 0.41
CA THR A 55 2.13 16.72 0.72
C THR A 55 3.09 15.75 0.04
N THR A 56 2.56 14.68 -0.56
CA THR A 56 3.40 13.83 -1.39
C THR A 56 3.51 14.29 -2.85
N ILE A 57 2.58 15.09 -3.36
CA ILE A 57 2.62 15.50 -4.76
C ILE A 57 3.93 16.21 -5.04
N PRO A 58 4.38 17.22 -4.29
CA PRO A 58 5.69 17.82 -4.63
C PRO A 58 6.88 16.85 -4.52
N LEU A 59 6.80 15.86 -3.59
CA LEU A 59 7.88 14.86 -3.52
C LEU A 59 7.92 14.06 -4.81
N LYS A 60 6.78 13.63 -5.31
CA LYS A 60 6.59 12.88 -6.52
CA LYS A 60 6.79 12.79 -6.51
C LYS A 60 7.08 13.65 -7.72
N ASP A 61 6.68 14.95 -7.74
CA ASP A 61 7.09 15.76 -8.88
C ASP A 61 8.58 16.01 -8.86
N ALA A 62 9.20 16.18 -7.69
CA ALA A 62 10.64 16.34 -7.62
C ALA A 62 11.27 15.02 -8.09
N ALA A 63 10.68 13.88 -7.73
CA ALA A 63 11.21 12.60 -8.16
C ALA A 63 11.24 12.46 -9.69
N ILE A 64 10.17 12.92 -10.33
CA ILE A 64 10.10 12.92 -11.79
C ILE A 64 11.20 13.79 -12.36
N MET A 65 11.32 15.02 -11.83
CA MET A 65 12.37 15.91 -12.32
CA MET A 65 12.37 15.93 -12.23
C MET A 65 13.77 15.34 -12.11
N ALA A 66 14.02 14.65 -11.01
CA ALA A 66 15.32 14.02 -10.76
C ALA A 66 15.67 12.98 -11.81
N ASN A 67 14.67 12.39 -12.41
CA ASN A 67 14.87 11.38 -13.45
C ASN A 67 14.77 11.94 -14.85
N CYS A 68 14.65 13.26 -15.01
CA CYS A 68 14.33 13.87 -16.29
C CYS A 68 15.45 14.73 -16.80
N PRO A 69 16.27 14.21 -17.69
CA PRO A 69 17.42 15.02 -18.18
C PRO A 69 17.07 16.09 -19.21
N ASP A 70 15.79 16.30 -19.47
CA ASP A 70 15.34 17.30 -20.42
C ASP A 70 14.97 18.62 -19.77
N ALA A 71 15.86 19.61 -19.93
CA ALA A 71 15.62 20.88 -19.25
C ALA A 71 14.32 21.54 -19.63
N GLN A 72 13.92 21.46 -20.88
CA GLN A 72 12.63 22.07 -21.26
C GLN A 72 11.49 21.48 -20.47
N THR A 73 11.52 20.17 -20.31
CA THR A 73 10.43 19.53 -19.57
C THR A 73 10.46 19.96 -18.10
N ARG A 74 11.67 20.00 -17.53
CA ARG A 74 11.79 20.40 -16.12
C ARG A 74 11.33 21.84 -15.89
N ARG A 75 11.59 22.72 -16.84
CA ARG A 75 11.15 24.10 -16.71
C ARG A 75 9.63 24.18 -16.57
N LYS A 76 8.91 23.32 -17.26
CA LYS A 76 7.46 23.27 -17.10
C LYS A 76 7.04 22.56 -15.84
N TRP A 77 7.66 21.41 -15.60
CA TRP A 77 7.19 20.52 -14.52
C TRP A 77 7.35 21.16 -13.17
N VAL A 78 8.35 22.01 -13.00
CA VAL A 78 8.63 22.58 -11.66
C VAL A 78 7.49 23.47 -11.17
N GLN A 79 6.65 23.93 -12.08
CA GLN A 79 5.50 24.77 -11.69
C GLN A 79 4.56 24.01 -10.78
N ARG A 80 4.51 22.69 -10.97
CA ARG A 80 3.69 21.88 -10.05
C ARG A 80 4.19 21.98 -8.61
N ILE A 81 5.49 21.91 -8.42
CA ILE A 81 6.07 22.08 -7.08
C ILE A 81 5.78 23.47 -6.56
N LEU A 82 5.97 24.50 -7.37
CA LEU A 82 5.65 25.86 -6.92
C LEU A 82 4.17 25.98 -6.57
N ASP A 83 3.28 25.35 -7.32
CA ASP A 83 1.86 25.43 -7.05
C ASP A 83 1.54 24.91 -5.64
N HIS A 84 2.15 23.75 -5.29
CA HIS A 84 1.81 23.16 -4.00
C HIS A 84 2.58 23.77 -2.85
N ASP A 85 3.87 24.04 -3.03
CA ASP A 85 4.69 24.55 -1.95
C ASP A 85 4.52 26.05 -1.76
N GLY A 86 4.10 26.76 -2.80
N GLY A 86 4.17 26.75 -2.83
CA GLY A 86 3.99 28.20 -2.64
CA GLY A 86 4.11 28.19 -2.84
C GLY A 86 5.38 28.80 -2.83
C GLY A 86 5.30 28.79 -3.57
N SER A 87 5.39 29.92 -3.56
N SER A 87 5.20 30.08 -3.90
CA SER A 87 6.56 30.56 -4.11
CA SER A 87 6.26 30.81 -4.58
C SER A 87 6.52 32.05 -3.82
C SER A 87 6.48 32.16 -3.91
N HIS A 88 7.72 32.60 -3.79
CA HIS A 88 7.98 33.98 -3.30
C HIS A 88 7.28 34.16 -1.93
N GLY A 89 7.26 33.09 -1.12
CA GLY A 89 6.62 33.06 0.17
C GLY A 89 5.12 33.13 0.11
N GLU A 90 4.54 33.18 -1.11
CA GLU A 90 3.07 33.26 -1.26
C GLU A 90 2.50 31.90 -0.96
N ASP A 91 1.33 31.63 -0.37
N ASP A 91 1.34 31.94 -0.28
CA ASP A 91 1.41 30.40 0.42
CA ASP A 91 0.81 30.62 0.09
C ASP A 91 1.26 29.06 -0.27
C ASP A 91 0.48 29.96 -1.26
N GLY A 92 0.54 28.68 -1.28
CA GLY A 92 0.41 27.51 -2.08
C GLY A 92 -0.66 26.49 -1.74
N GLY A 93 -0.75 25.36 -2.47
CA GLY A 93 -1.79 24.37 -2.26
C GLY A 93 -1.74 23.61 -0.94
N ILE A 94 -0.55 23.34 -0.43
CA ILE A 94 -0.42 22.70 0.87
C ILE A 94 -1.01 23.60 1.94
N GLU A 95 -0.67 24.90 1.92
CA GLU A 95 -1.28 25.84 2.85
C GLU A 95 -2.78 25.94 2.67
N ALA A 96 -3.22 25.86 1.41
CA ALA A 96 -4.67 25.89 1.20
C ALA A 96 -5.35 24.65 1.78
N TRP A 97 -4.69 23.49 1.71
CA TRP A 97 -5.29 22.30 2.29
C TRP A 97 -5.33 22.45 3.82
N LEU A 98 -4.29 23.04 4.40
CA LEU A 98 -4.33 23.32 5.83
C LEU A 98 -5.52 24.19 6.20
N ARG A 99 -5.85 25.16 5.37
CA ARG A 99 -7.01 26.03 5.66
C ARG A 99 -8.31 25.25 5.51
N LEU A 100 -8.35 24.27 4.60
CA LEU A 100 -9.48 23.35 4.53
C LEU A 100 -9.57 22.55 5.83
N GLY A 101 -8.45 22.11 6.37
CA GLY A 101 -8.44 21.47 7.67
C GLY A 101 -9.08 22.37 8.70
N GLU A 102 -8.61 23.60 8.80
CA GLU A 102 -9.21 24.48 9.80
C GLU A 102 -10.70 24.72 9.55
N ALA A 103 -11.11 24.73 8.28
CA ALA A 103 -12.49 24.96 7.93
C ALA A 103 -13.41 23.83 8.34
N VAL A 104 -12.86 22.64 8.54
CA VAL A 104 -13.68 21.53 9.00
C VAL A 104 -13.42 21.22 10.45
N GLY A 105 -12.71 22.09 11.16
CA GLY A 105 -12.54 21.96 12.59
C GLY A 105 -11.29 21.29 13.08
N LEU A 106 -10.30 21.11 12.22
CA LEU A 106 -9.02 20.50 12.54
C LEU A 106 -7.95 21.57 12.62
N SER A 107 -7.06 21.39 13.59
CA SER A 107 -5.93 22.27 13.75
C SER A 107 -4.87 21.96 12.71
N ARG A 108 -4.02 22.99 12.50
CA ARG A 108 -2.87 22.78 11.66
C ARG A 108 -2.06 21.60 12.19
N ASP A 109 -1.87 21.51 13.51
CA ASP A 109 -1.08 20.40 14.05
CA ASP A 109 -1.07 20.40 14.03
C ASP A 109 -1.73 19.05 13.78
N ASP A 110 -3.06 18.99 13.80
CA ASP A 110 -3.76 17.79 13.45
C ASP A 110 -3.32 17.26 12.08
N LEU A 111 -3.20 18.17 11.12
CA LEU A 111 -2.76 17.75 9.79
C LEU A 111 -1.26 17.52 9.72
N LEU A 112 -0.49 18.48 10.17
CA LEU A 112 0.96 18.42 10.01
C LEU A 112 1.59 17.26 10.74
N SER A 113 0.96 16.81 11.83
CA SER A 113 1.56 15.70 12.56
C SER A 113 1.45 14.39 11.81
N GLU A 114 0.52 14.37 10.87
CA GLU A 114 0.23 13.14 10.12
C GLU A 114 -0.23 11.97 10.97
N ARG A 115 -0.58 12.17 12.22
CA ARG A 115 -0.93 11.10 13.15
C ARG A 115 -2.23 10.43 12.71
N HIS A 116 -3.11 11.11 12.00
CA HIS A 116 -4.37 10.50 11.64
C HIS A 116 -4.33 9.73 10.34
N VAL A 117 -3.18 9.74 9.68
CA VAL A 117 -3.05 9.12 8.38
C VAL A 117 -3.03 7.59 8.56
N LEU A 118 -4.07 6.98 7.97
CA LEU A 118 -4.25 5.53 8.06
C LEU A 118 -3.20 4.77 7.24
N PRO A 119 -2.78 3.59 7.70
CA PRO A 119 -1.77 2.87 6.95
C PRO A 119 -2.23 2.56 5.53
N GLY A 120 -3.49 2.23 5.29
CA GLY A 120 -3.88 1.93 3.91
C GLY A 120 -3.78 3.14 3.00
N VAL A 121 -4.03 4.33 3.54
CA VAL A 121 -3.78 5.56 2.78
C VAL A 121 -2.29 5.73 2.55
N ARG A 122 -1.51 5.60 3.59
CA ARG A 122 -0.07 5.75 3.46
C ARG A 122 0.51 4.82 2.40
N PHE A 123 0.14 3.55 2.42
CA PHE A 123 0.73 2.64 1.44
C PHE A 123 0.31 2.92 0.02
N ALA A 124 -0.95 3.34 -0.17
CA ALA A 124 -1.37 3.71 -1.51
C ALA A 124 -0.60 4.92 -2.01
N VAL A 125 -0.52 5.97 -1.20
CA VAL A 125 0.16 7.20 -1.60
C VAL A 125 1.64 6.92 -1.82
N ASP A 126 2.22 6.15 -0.89
CA ASP A 126 3.62 5.83 -1.04
C ASP A 126 3.93 5.04 -2.32
N ALA A 127 3.00 4.20 -2.76
CA ALA A 127 3.12 3.53 -4.06
C ALA A 127 3.26 4.51 -5.20
N TYR A 128 2.56 5.64 -5.11
CA TYR A 128 2.68 6.66 -6.15
C TYR A 128 4.10 7.22 -6.19
N LEU A 129 4.60 7.61 -5.03
CA LEU A 129 5.96 8.15 -4.92
C LEU A 129 6.98 7.13 -5.39
N ASN A 130 6.83 5.86 -5.01
CA ASN A 130 7.85 4.91 -5.40
CA ASN A 130 7.75 4.80 -5.38
C ASN A 130 7.81 4.67 -6.90
N PHE A 131 6.63 4.74 -7.49
CA PHE A 131 6.57 4.58 -8.95
C PHE A 131 7.30 5.74 -9.62
N ALA A 132 7.03 6.94 -9.16
CA ALA A 132 7.68 8.15 -9.67
C ALA A 132 9.19 8.08 -9.50
N ARG A 133 9.66 7.48 -8.44
CA ARG A 133 11.09 7.38 -8.19
C ARG A 133 11.81 6.44 -9.17
N ARG A 134 11.11 5.36 -9.53
CA ARG A 134 11.68 4.22 -10.23
CA ARG A 134 11.79 4.27 -10.25
C ARG A 134 11.45 4.16 -11.73
N ALA A 135 10.24 4.57 -12.13
CA ALA A 135 9.86 4.45 -13.54
C ALA A 135 10.56 5.50 -14.38
N CYS A 136 10.59 5.28 -15.70
CA CYS A 136 11.14 6.33 -16.56
C CYS A 136 10.28 7.58 -16.42
N TRP A 137 10.92 8.73 -16.62
CA TRP A 137 10.23 9.98 -16.32
C TRP A 137 8.96 10.13 -17.14
N GLN A 138 8.93 9.67 -18.38
CA GLN A 138 7.74 9.86 -19.19
C GLN A 138 6.55 9.11 -18.59
N GLU A 139 6.78 7.88 -18.19
CA GLU A 139 5.72 7.10 -17.57
C GLU A 139 5.26 7.72 -16.26
N ALA A 140 6.23 8.15 -15.43
CA ALA A 140 5.89 8.78 -14.16
C ALA A 140 5.13 10.06 -14.38
N ALA A 141 5.57 10.89 -15.31
CA ALA A 141 4.88 12.15 -15.56
C ALA A 141 3.45 11.92 -16.01
N CYS A 142 3.25 10.94 -16.91
CA CYS A 142 1.91 10.73 -17.45
C CYS A 142 0.93 10.09 -16.49
N SER A 143 1.44 9.48 -15.43
CA SER A 143 0.59 8.96 -14.36
C SER A 143 -0.14 10.09 -13.62
N SER A 144 0.22 11.34 -13.85
CA SER A 144 -0.54 12.48 -13.36
C SER A 144 -1.90 12.62 -14.01
N LEU A 145 -2.14 11.92 -15.12
CA LEU A 145 -3.30 12.24 -15.96
C LEU A 145 -4.65 11.91 -15.39
N THR A 146 -4.77 11.35 -14.21
CA THR A 146 -6.08 11.41 -13.55
C THR A 146 -6.54 12.85 -13.28
N GLU A 147 -5.62 13.83 -13.33
CA GLU A 147 -5.98 15.24 -13.32
C GLU A 147 -6.96 15.59 -14.40
N LEU A 148 -7.04 14.82 -15.48
CA LEU A 148 -8.09 15.01 -16.48
C LEU A 148 -9.47 15.05 -15.86
N PHE A 149 -9.62 14.27 -14.81
CA PHE A 149 -10.91 14.05 -14.17
C PHE A 149 -11.17 14.94 -12.98
N ALA A 150 -10.15 15.65 -12.54
CA ALA A 150 -10.19 16.34 -11.26
C ALA A 150 -11.02 17.62 -11.27
N PRO A 151 -10.97 18.47 -12.27
CA PRO A 151 -11.90 19.62 -12.26
C PRO A 151 -13.35 19.22 -12.02
N GLN A 152 -13.78 18.09 -12.58
CA GLN A 152 -15.17 17.70 -12.34
C GLN A 152 -15.45 17.41 -10.87
N ILE A 153 -14.51 16.73 -10.21
CA ILE A 153 -14.75 16.38 -8.82
C ILE A 153 -14.61 17.60 -7.92
N HIS A 154 -13.65 18.46 -8.15
CA HIS A 154 -13.54 19.69 -7.38
C HIS A 154 -14.83 20.50 -7.53
N GLN A 155 -15.36 20.66 -8.73
CA GLN A 155 -16.59 21.43 -8.91
C GLN A 155 -17.77 20.75 -8.19
N SER A 156 -17.75 19.42 -8.12
CA SER A 156 -18.85 18.71 -7.47
C SER A 156 -18.93 19.08 -6.00
N ARG A 157 -17.76 19.26 -5.39
CA ARG A 157 -17.72 19.65 -3.97
C ARG A 157 -18.14 21.11 -3.77
N LEU A 158 -17.60 21.97 -4.63
CA LEU A 158 -18.03 23.37 -4.56
C LEU A 158 -19.53 23.52 -4.69
N ASP A 159 -20.14 22.64 -5.50
CA ASP A 159 -21.56 22.73 -5.77
C ASP A 159 -22.38 22.16 -4.64
N SER A 160 -21.93 21.07 -4.02
CA SER A 160 -22.81 20.34 -3.11
C SER A 160 -22.51 20.55 -1.64
N TRP A 161 -21.25 20.69 -1.25
CA TRP A 161 -20.97 20.80 0.19
C TRP A 161 -21.60 22.00 0.88
N PRO A 162 -21.65 23.17 0.29
CA PRO A 162 -22.28 24.27 1.04
C PRO A 162 -23.74 24.00 1.44
N GLN A 163 -24.49 23.26 0.63
CA GLN A 163 -25.87 22.94 0.91
C GLN A 163 -26.04 22.00 2.09
N HIS A 164 -25.14 21.00 2.10
CA HIS A 164 -25.26 19.90 3.06
C HIS A 164 -24.49 20.16 4.35
N TYR A 165 -23.36 20.87 4.22
N TYR A 165 -23.37 20.85 4.25
CA TYR A 165 -22.41 21.09 5.31
CA TYR A 165 -22.49 21.08 5.39
C TYR A 165 -22.17 22.57 5.48
C TYR A 165 -22.18 22.56 5.53
N PRO A 166 -23.20 23.34 5.84
CA PRO A 166 -23.02 24.79 5.92
C PRO A 166 -22.01 25.21 6.98
N TRP A 167 -21.58 24.35 7.90
CA TRP A 167 -20.61 24.64 8.92
C TRP A 167 -19.20 24.67 8.36
N ILE A 168 -18.98 24.15 7.18
CA ILE A 168 -17.63 24.20 6.59
C ILE A 168 -17.34 25.63 6.16
N LYS A 169 -16.28 26.21 6.73
CA LYS A 169 -16.02 27.62 6.49
C LYS A 169 -15.65 27.88 5.01
N GLU A 170 -16.06 29.05 4.51
CA GLU A 170 -15.94 29.49 3.14
C GLU A 170 -14.51 29.36 2.68
N GLU A 171 -13.61 29.67 3.61
CA GLU A 171 -12.18 29.73 3.30
C GLU A 171 -11.69 28.34 2.88
N GLY A 172 -12.36 27.29 3.35
CA GLY A 172 -12.02 25.94 3.05
C GLY A 172 -12.12 25.55 1.58
N TYR A 173 -12.89 26.26 0.78
CA TYR A 173 -13.13 25.93 -0.61
C TYR A 173 -12.07 26.51 -1.54
N PHE A 174 -11.12 27.24 -0.98
CA PHE A 174 -10.12 27.91 -1.82
C PHE A 174 -9.32 26.90 -2.66
N PHE A 175 -8.96 25.80 -2.02
CA PHE A 175 -8.11 24.85 -2.76
C PHE A 175 -8.86 24.28 -3.94
N PHE A 176 -10.08 23.83 -3.77
CA PHE A 176 -10.82 23.22 -4.87
C PHE A 176 -10.97 24.19 -6.01
N ARG A 177 -11.29 25.45 -5.68
CA ARG A 177 -11.44 26.42 -6.75
CA ARG A 177 -11.43 26.46 -6.73
C ARG A 177 -10.12 26.63 -7.49
N SER A 178 -9.02 26.66 -6.74
CA SER A 178 -7.73 26.91 -7.41
C SER A 178 -7.36 25.82 -8.42
N ARG A 179 -7.74 24.58 -8.11
CA ARG A 179 -7.39 23.44 -8.97
C ARG A 179 -8.21 23.41 -10.24
N LEU A 180 -9.34 24.10 -10.34
CA LEU A 180 -10.07 24.11 -11.61
C LEU A 180 -9.15 24.59 -12.72
N SER A 181 -8.33 25.62 -12.43
CA SER A 181 -7.42 26.11 -13.45
C SER A 181 -6.09 25.34 -13.43
N GLN A 182 -5.51 25.06 -12.28
CA GLN A 182 -4.21 24.39 -12.30
C GLN A 182 -4.26 23.00 -12.91
N ALA A 183 -5.28 22.22 -12.58
CA ALA A 183 -5.40 20.89 -13.18
C ALA A 183 -5.49 21.00 -14.70
N ASN A 184 -6.17 22.00 -15.23
CA ASN A 184 -6.33 22.11 -16.69
C ASN A 184 -5.01 22.41 -17.37
N ARG A 185 -4.24 23.32 -16.80
CA ARG A 185 -2.93 23.66 -17.31
CA ARG A 185 -2.94 23.64 -17.38
C ARG A 185 -2.03 22.44 -17.20
N ASP A 186 -2.08 21.70 -16.10
CA ASP A 186 -1.25 20.52 -15.94
C ASP A 186 -1.46 19.52 -17.06
N VAL A 187 -2.72 19.21 -17.34
CA VAL A 187 -2.96 18.14 -18.30
C VAL A 187 -2.68 18.59 -19.72
N GLU A 188 -2.65 19.89 -20.02
CA GLU A 188 -2.21 20.23 -21.37
CA GLU A 188 -2.20 20.28 -21.35
C GLU A 188 -0.80 19.71 -21.63
N HIS A 189 0.07 19.82 -20.63
CA HIS A 189 1.43 19.30 -20.77
C HIS A 189 1.42 17.78 -20.68
N GLY A 190 0.73 17.22 -19.71
CA GLY A 190 0.66 15.77 -19.60
C GLY A 190 0.20 15.04 -20.84
N LEU A 191 -0.87 15.53 -21.46
CA LEU A 191 -1.37 14.98 -22.71
C LEU A 191 -0.37 15.09 -23.86
N ALA A 192 0.29 16.22 -23.95
CA ALA A 192 1.31 16.39 -24.98
C ALA A 192 2.41 15.37 -24.85
N LEU A 193 2.83 15.19 -23.61
CA LEU A 193 3.84 14.19 -23.32
C LEU A 193 3.32 12.81 -23.67
N ALA A 194 2.10 12.49 -23.22
CA ALA A 194 1.61 11.14 -23.51
C ALA A 194 1.47 10.84 -24.98
N LYS A 195 1.02 11.84 -25.71
CA LYS A 195 0.74 11.64 -27.13
C LYS A 195 2.02 11.53 -27.95
N ALA A 196 3.04 12.25 -27.46
CA ALA A 196 4.34 12.18 -28.14
C ALA A 196 5.07 10.87 -27.81
N TYR A 197 5.02 10.47 -26.54
CA TYR A 197 5.73 9.28 -26.09
C TYR A 197 5.06 7.95 -26.45
N CYS A 198 3.73 7.90 -26.33
CA CYS A 198 3.04 6.61 -26.48
C CYS A 198 2.69 6.39 -27.94
N ASP A 199 3.71 6.07 -28.74
CA ASP A 199 3.54 6.06 -30.20
C ASP A 199 3.57 4.67 -30.81
N SER A 200 3.33 3.66 -29.98
CA SER A 200 3.17 2.27 -30.35
C SER A 200 2.07 1.60 -29.53
N ALA A 201 1.48 0.53 -30.07
CA ALA A 201 0.47 -0.17 -29.25
C ALA A 201 1.02 -0.63 -27.90
N GLU A 202 2.29 -1.09 -27.91
CA GLU A 202 2.84 -1.59 -26.65
C GLU A 202 2.87 -0.48 -25.64
N LYS A 203 3.32 0.70 -26.09
CA LYS A 203 3.43 1.78 -25.12
C LYS A 203 2.06 2.29 -24.68
N GLN A 204 1.13 2.24 -25.60
CA GLN A 204 -0.24 2.72 -25.29
C GLN A 204 -0.92 1.81 -24.27
N ASN A 205 -0.83 0.50 -24.48
CA ASN A 205 -1.40 -0.43 -23.52
C ASN A 205 -0.74 -0.28 -22.15
N ARG A 206 0.59 -0.14 -22.15
CA ARG A 206 1.29 0.03 -20.90
C ARG A 206 0.85 1.30 -20.19
N MET A 207 0.70 2.39 -20.91
CA MET A 207 0.27 3.64 -20.27
C MET A 207 -1.12 3.52 -19.70
N LEU A 208 -2.03 2.82 -20.39
CA LEU A 208 -3.36 2.66 -19.83
C LEU A 208 -3.30 1.86 -18.52
N GLU A 209 -2.43 0.84 -18.46
CA GLU A 209 -2.25 0.09 -17.22
C GLU A 209 -1.65 0.97 -16.14
N ILE A 210 -0.73 1.86 -16.48
CA ILE A 210 -0.19 2.81 -15.48
C ILE A 210 -1.27 3.73 -14.97
N LEU A 211 -2.14 4.24 -15.86
CA LEU A 211 -3.27 5.08 -15.40
C LEU A 211 -4.21 4.30 -14.52
N GLN A 212 -4.37 3.00 -14.83
CA GLN A 212 -5.21 2.16 -13.95
C GLN A 212 -4.58 2.05 -12.55
N PHE A 213 -3.28 1.85 -12.50
CA PHE A 213 -2.56 1.82 -11.23
C PHE A 213 -2.84 3.09 -10.43
N LYS A 214 -2.78 4.22 -11.11
CA LYS A 214 -3.10 5.47 -10.47
C LYS A 214 -4.51 5.55 -9.95
N LEU A 215 -5.45 5.11 -10.76
CA LEU A 215 -6.83 5.02 -10.31
C LEU A 215 -7.01 4.14 -9.10
N ASP A 216 -6.28 3.02 -9.09
CA ASP A 216 -6.33 2.09 -7.97
C ASP A 216 -5.83 2.73 -6.69
N ILE A 217 -4.77 3.56 -6.78
CA ILE A 217 -4.31 4.29 -5.62
C ILE A 217 -5.43 5.12 -5.01
N LEU A 218 -6.13 5.90 -5.85
CA LEU A 218 -7.20 6.78 -5.37
C LEU A 218 -8.32 5.99 -4.69
N TRP A 219 -8.69 4.92 -5.38
CA TRP A 219 -9.79 4.08 -4.88
C TRP A 219 -9.40 3.45 -3.54
N SER A 220 -8.15 2.97 -3.43
CA SER A 220 -7.67 2.31 -2.22
CA SER A 220 -7.67 2.31 -2.22
C SER A 220 -7.56 3.28 -1.05
N MET A 221 -7.19 4.53 -1.31
CA MET A 221 -7.22 5.51 -0.21
CA MET A 221 -7.22 5.52 -0.22
C MET A 221 -8.61 5.60 0.40
N LEU A 222 -9.62 5.63 -0.48
CA LEU A 222 -11.00 5.75 0.02
C LEU A 222 -11.50 4.48 0.67
N ASP A 223 -10.98 3.32 0.20
CA ASP A 223 -11.30 2.04 0.89
C ASP A 223 -10.82 2.04 2.34
N ALA A 224 -9.60 2.56 2.55
CA ALA A 224 -9.07 2.64 3.90
C ALA A 224 -9.92 3.57 4.75
N MET A 225 -10.32 4.71 4.21
N MET A 225 -10.29 4.72 4.20
CA MET A 225 -11.16 5.62 5.00
CA MET A 225 -11.15 5.63 4.95
C MET A 225 -12.52 4.99 5.29
C MET A 225 -12.53 5.04 5.25
N THR A 226 -13.07 4.28 4.30
CA THR A 226 -14.33 3.59 4.52
C THR A 226 -14.24 2.67 5.71
N MET A 227 -13.17 1.85 5.72
CA MET A 227 -13.03 0.88 6.81
C MET A 227 -12.97 1.59 8.15
N ALA A 228 -12.16 2.65 8.20
CA ALA A 228 -11.97 3.28 9.49
C ALA A 228 -13.12 4.15 9.94
N TYR A 229 -13.69 4.93 9.04
CA TYR A 229 -14.65 5.96 9.44
C TYR A 229 -16.09 5.68 9.14
N ALA A 230 -16.34 4.80 8.19
CA ALA A 230 -17.74 4.42 7.91
C ALA A 230 -18.15 3.09 8.47
N LEU A 231 -17.22 2.13 8.59
CA LEU A 231 -17.54 0.78 9.01
C LEU A 231 -17.06 0.40 10.41
N GLN A 232 -16.43 1.33 11.12
CA GLN A 232 -16.07 1.04 12.52
CA GLN A 232 -15.90 1.20 12.47
C GLN A 232 -14.98 -0.03 12.58
N ARG A 233 -14.15 -0.13 11.54
CA ARG A 233 -13.08 -1.12 11.50
C ARG A 233 -11.73 -0.51 11.19
N PRO A 234 -11.31 0.50 11.97
CA PRO A 234 -9.95 1.06 11.79
C PRO A 234 -8.94 0.00 12.21
N PRO A 235 -7.67 0.18 11.85
CA PRO A 235 -6.68 -0.83 12.21
C PRO A 235 -6.69 -1.14 13.71
N TYR A 236 -6.60 -2.42 14.04
CA TYR A 236 -6.49 -2.93 15.40
C TYR A 236 -7.77 -2.71 16.22
N HIS A 237 -8.91 -2.48 15.61
CA HIS A 237 -10.14 -2.23 16.37
C HIS A 237 -10.54 -3.38 17.28
N THR A 238 -10.12 -4.60 16.95
CA THR A 238 -10.41 -5.74 17.82
C THR A 238 -9.53 -5.81 19.07
N VAL A 239 -8.46 -5.02 19.12
CA VAL A 239 -7.42 -5.04 20.12
CA VAL A 239 -7.61 -5.14 20.32
C VAL A 239 -7.41 -3.80 20.99
N THR A 240 -7.69 -2.64 20.36
CA THR A 240 -7.61 -1.35 21.04
C THR A 240 -8.55 -0.34 20.44
N ASP A 241 -8.99 0.67 21.17
CA ASP A 241 -9.83 1.73 20.70
C ASP A 241 -9.04 2.98 20.37
N LYS A 242 -7.73 2.89 20.57
CA LYS A 242 -6.78 3.95 20.33
C LYS A 242 -5.99 3.68 19.06
N ALA A 243 -5.51 4.72 18.42
CA ALA A 243 -4.68 4.65 17.24
C ALA A 243 -3.34 4.00 17.60
N ALA A 244 -3.00 2.94 16.87
CA ALA A 244 -1.76 2.21 17.17
C ALA A 244 -0.88 2.06 15.94
N TRP A 245 -1.29 2.53 14.77
CA TRP A 245 -0.49 2.43 13.57
C TRP A 245 0.76 3.32 13.63
N HIS A 246 1.72 2.96 12.75
CA HIS A 246 2.92 3.77 12.63
C HIS A 246 2.54 5.12 12.00
N THR A 247 3.31 6.14 12.36
CA THR A 247 2.96 7.48 11.95
C THR A 247 4.13 8.23 11.36
N THR A 248 5.16 7.52 10.92
CA THR A 248 6.38 8.11 10.40
C THR A 248 6.70 7.72 8.97
N ARG A 249 7.15 8.63 8.15
CA ARG A 249 7.71 8.35 6.84
C ARG A 249 9.10 7.76 7.07
N LEU A 250 9.12 6.46 7.38
CA LEU A 250 10.32 5.87 7.93
C LEU A 250 11.58 6.03 7.09
N VAL A 251 11.43 6.02 5.75
CA VAL A 251 12.69 6.13 5.00
C VAL A 251 13.05 7.58 4.72
N LEU A 252 12.21 8.54 5.02
CA LEU A 252 12.53 9.97 4.82
C LEU A 252 12.82 10.72 6.11
N GLU A 253 12.42 10.19 7.24
CA GLU A 253 12.64 10.87 8.51
C GLU A 253 12.95 9.82 9.59
N HIS A 254 13.83 10.18 10.53
CA HIS A 254 14.15 9.17 11.53
C HIS A 254 13.00 8.90 12.49
N HIS A 255 12.35 9.96 12.93
CA HIS A 255 11.14 9.85 13.73
C HIS A 255 10.41 11.21 13.74
N LEU B 2 7.11 5.51 25.06
CA LEU B 2 8.46 5.72 24.52
C LEU B 2 9.60 5.40 25.48
N ILE B 3 10.70 4.85 24.97
CA ILE B 3 11.86 4.49 25.80
C ILE B 3 12.69 5.73 26.04
N THR B 4 13.00 5.97 27.32
CA THR B 4 13.85 7.11 27.66
C THR B 4 15.25 6.60 27.91
N ASP B 5 15.37 5.59 28.75
CA ASP B 5 16.66 5.03 29.11
C ASP B 5 16.77 3.68 28.39
N THR B 6 17.89 3.51 27.74
CA THR B 6 18.15 2.36 26.87
C THR B 6 17.77 1.08 27.58
N LEU B 7 16.90 0.28 26.97
CA LEU B 7 16.57 -1.01 27.55
C LEU B 7 17.73 -2.00 27.44
N SER B 8 17.79 -2.91 28.41
CA SER B 8 18.72 -4.00 28.24
C SER B 8 18.28 -4.90 27.08
N PRO B 9 19.16 -5.73 26.51
CA PRO B 9 18.71 -6.62 25.43
C PRO B 9 17.52 -7.51 25.81
N GLN B 10 17.42 -8.03 27.03
CA GLN B 10 16.29 -8.86 27.45
CA GLN B 10 16.29 -8.87 27.41
C GLN B 10 14.99 -8.09 27.47
N ALA B 11 15.02 -6.89 28.02
CA ALA B 11 13.89 -5.98 28.13
C ALA B 11 13.49 -5.52 26.72
N PHE B 12 14.48 -5.28 25.85
CA PHE B 12 14.12 -4.91 24.49
C PHE B 12 13.41 -6.05 23.78
N GLU B 13 13.92 -7.29 23.94
CA GLU B 13 13.19 -8.44 23.42
C GLU B 13 11.75 -8.46 23.90
N GLU B 14 11.54 -8.20 25.18
CA GLU B 14 10.18 -8.23 25.71
C GLU B 14 9.33 -7.15 25.04
N ALA B 15 9.93 -6.00 24.74
CA ALA B 15 9.20 -4.93 24.09
C ALA B 15 8.83 -5.30 22.67
N LEU B 16 9.73 -5.95 21.96
CA LEU B 16 9.44 -6.45 20.62
C LEU B 16 8.28 -7.46 20.66
N ARG B 17 8.36 -8.37 21.65
CA ARG B 17 7.35 -9.42 21.73
C ARG B 17 5.98 -8.86 22.08
N ALA B 18 5.93 -7.78 22.83
CA ALA B 18 4.65 -7.16 23.17
C ALA B 18 3.92 -6.63 21.96
N LYS B 19 4.68 -6.35 20.90
CA LYS B 19 4.03 -5.88 19.67
C LYS B 19 3.16 -6.97 19.04
N GLY B 20 3.34 -8.22 19.48
CA GLY B 20 2.48 -9.30 19.00
C GLY B 20 1.01 -9.10 19.32
N ASP B 21 0.71 -8.18 20.26
CA ASP B 21 -0.68 -7.83 20.50
C ASP B 21 -1.40 -7.29 19.27
N PHE B 22 -0.63 -6.80 18.30
CA PHE B 22 -1.20 -6.21 17.12
C PHE B 22 -1.05 -7.13 15.93
N TYR B 23 -0.62 -8.37 16.16
CA TYR B 23 -0.45 -9.28 15.02
C TYR B 23 -1.78 -9.65 14.36
N HIS B 24 -1.67 -9.98 13.06
CA HIS B 24 -2.87 -10.19 12.25
C HIS B 24 -3.68 -11.43 12.61
N ILE B 25 -3.15 -12.22 13.54
CA ILE B 25 -3.98 -13.29 14.12
C ILE B 25 -5.22 -12.71 14.79
N HIS B 26 -5.22 -11.41 15.15
CA HIS B 26 -6.34 -10.74 15.77
C HIS B 26 -7.28 -10.04 14.78
N HIS B 27 -7.02 -10.13 13.48
CA HIS B 27 -7.89 -9.54 12.47
C HIS B 27 -9.14 -10.35 12.25
N PRO B 28 -10.31 -9.73 12.20
CA PRO B 28 -11.54 -10.51 11.96
C PRO B 28 -11.55 -11.49 10.81
N TYR B 29 -11.00 -11.31 9.66
CA TYR B 29 -10.72 -12.14 8.51
C TYR B 29 -10.00 -13.42 8.96
N HIS B 30 -8.93 -13.33 9.74
CA HIS B 30 -8.28 -14.52 10.27
C HIS B 30 -9.21 -15.24 11.24
N ILE B 31 -9.88 -14.47 12.11
CA ILE B 31 -10.70 -15.10 13.13
C ILE B 31 -11.86 -15.85 12.49
N ALA B 32 -12.44 -15.27 11.45
CA ALA B 32 -13.55 -15.93 10.74
C ALA B 32 -13.04 -17.23 10.13
N MET B 33 -11.84 -17.24 9.54
CA MET B 33 -11.24 -18.47 8.99
CA MET B 33 -11.27 -18.47 8.97
C MET B 33 -11.03 -19.48 10.09
N HIS B 34 -10.46 -19.03 11.21
CA HIS B 34 -10.17 -19.94 12.32
C HIS B 34 -11.38 -20.59 12.95
N ASN B 35 -12.49 -19.83 13.02
CA ASN B 35 -13.72 -20.31 13.63
C ASN B 35 -14.61 -21.11 12.68
N GLY B 36 -14.20 -21.25 11.43
CA GLY B 36 -14.98 -22.07 10.47
C GLY B 36 -16.05 -21.30 9.76
N ASN B 37 -16.01 -19.97 9.85
CA ASN B 37 -17.06 -19.16 9.25
C ASN B 37 -16.72 -18.59 7.90
N ALA B 38 -15.49 -18.77 7.41
CA ALA B 38 -15.20 -18.21 6.09
C ALA B 38 -15.76 -19.12 5.01
N THR B 39 -16.15 -18.51 3.91
CA THR B 39 -16.60 -19.27 2.77
C THR B 39 -15.40 -19.74 1.94
N ARG B 40 -15.70 -20.68 1.05
CA ARG B 40 -14.65 -21.18 0.17
C ARG B 40 -14.07 -20.02 -0.66
N GLU B 41 -14.93 -19.12 -1.17
CA GLU B 41 -14.39 -18.00 -1.95
C GLU B 41 -13.48 -17.11 -1.16
N GLN B 42 -13.67 -16.87 0.10
CA GLN B 42 -12.97 -16.07 1.06
C GLN B 42 -11.61 -16.74 1.32
N ILE B 43 -11.62 -18.06 1.47
CA ILE B 43 -10.37 -18.81 1.64
C ILE B 43 -9.58 -18.78 0.35
N GLN B 44 -10.21 -18.99 -0.78
CA GLN B 44 -9.50 -18.92 -2.05
C GLN B 44 -8.92 -17.52 -2.29
N GLY B 45 -9.70 -16.49 -2.02
CA GLY B 45 -9.20 -15.15 -2.20
C GLY B 45 -7.99 -14.85 -1.32
N TRP B 46 -8.02 -15.36 -0.10
CA TRP B 46 -6.91 -15.21 0.83
C TRP B 46 -5.66 -15.90 0.29
N VAL B 47 -5.80 -17.13 -0.20
CA VAL B 47 -4.62 -17.84 -0.71
C VAL B 47 -4.04 -17.16 -1.93
N ALA B 48 -4.91 -16.71 -2.84
CA ALA B 48 -4.43 -16.07 -4.04
C ALA B 48 -3.71 -14.77 -3.70
N ASN B 49 -4.26 -13.97 -2.79
CA ASN B 49 -3.69 -12.69 -2.44
C ASN B 49 -2.40 -12.84 -1.66
N ARG B 50 -2.43 -13.80 -0.72
CA ARG B 50 -1.23 -14.03 0.10
C ARG B 50 -0.07 -14.54 -0.76
N PHE B 51 -0.35 -15.16 -1.88
CA PHE B 51 0.73 -15.55 -2.80
C PHE B 51 1.58 -14.36 -3.21
N TYR B 52 0.98 -13.18 -3.34
CA TYR B 52 1.75 -11.99 -3.71
C TYR B 52 2.75 -11.64 -2.61
N TYR B 53 2.39 -11.78 -1.34
CA TYR B 53 3.34 -11.58 -0.24
C TYR B 53 4.42 -12.64 -0.35
N GLN B 54 4.07 -13.92 -0.51
CA GLN B 54 5.06 -15.00 -0.57
C GLN B 54 6.09 -14.83 -1.67
N THR B 55 5.62 -14.38 -2.84
CA THR B 55 6.57 -14.23 -3.93
C THR B 55 7.39 -12.96 -3.78
N THR B 56 6.98 -12.05 -2.87
CA THR B 56 7.75 -10.84 -2.60
C THR B 56 8.85 -11.08 -1.58
N ILE B 57 8.68 -12.08 -0.72
N ILE B 57 8.69 -12.07 -0.71
CA ILE B 57 9.66 -12.36 0.33
CA ILE B 57 9.69 -12.31 0.32
C ILE B 57 11.07 -12.51 -0.23
C ILE B 57 11.08 -12.50 -0.24
N PRO B 58 11.30 -13.35 -1.24
CA PRO B 58 12.68 -13.44 -1.77
C PRO B 58 13.17 -12.16 -2.41
N LEU B 59 12.29 -11.35 -2.99
CA LEU B 59 12.69 -10.07 -3.55
C LEU B 59 13.20 -9.15 -2.44
N LYS B 60 12.46 -9.08 -1.36
CA LYS B 60 12.79 -8.25 -0.19
C LYS B 60 14.07 -8.72 0.44
N ASP B 61 14.26 -10.04 0.53
CA ASP B 61 15.49 -10.59 1.15
C ASP B 61 16.70 -10.32 0.27
N ALA B 62 16.53 -10.41 -1.04
CA ALA B 62 17.59 -10.03 -1.98
C ALA B 62 17.88 -8.54 -1.82
N ALA B 63 16.87 -7.69 -1.61
CA ALA B 63 17.12 -6.26 -1.42
C ALA B 63 17.97 -5.99 -0.18
N ILE B 64 17.67 -6.73 0.88
CA ILE B 64 18.48 -6.60 2.11
C ILE B 64 19.92 -6.95 1.83
N MET B 65 20.14 -8.08 1.19
CA MET B 65 21.47 -8.55 0.83
CA MET B 65 21.42 -8.59 0.76
C MET B 65 22.21 -7.54 -0.03
N ALA B 66 21.51 -6.93 -0.98
CA ALA B 66 22.16 -5.96 -1.85
C ALA B 66 22.65 -4.75 -1.09
N ASN B 67 22.05 -4.47 0.06
CA ASN B 67 22.43 -3.36 0.89
C ASN B 67 23.32 -3.77 2.05
N CYS B 68 23.79 -5.01 2.10
CA CYS B 68 24.50 -5.54 3.26
C CYS B 68 25.93 -5.92 2.92
N PRO B 69 26.90 -5.05 3.24
CA PRO B 69 28.30 -5.33 2.92
C PRO B 69 28.99 -6.30 3.87
N ASP B 70 28.23 -6.92 4.77
CA ASP B 70 28.79 -7.93 5.67
C ASP B 70 28.56 -9.35 5.17
N ALA B 71 29.65 -9.97 4.68
CA ALA B 71 29.49 -11.30 4.11
C ALA B 71 28.99 -12.33 5.11
N GLN B 72 29.39 -12.23 6.38
CA GLN B 72 28.86 -13.18 7.35
C GLN B 72 27.35 -13.14 7.46
N THR B 73 26.80 -11.93 7.46
CA THR B 73 25.36 -11.81 7.48
C THR B 73 24.73 -12.34 6.20
N ARG B 74 25.34 -12.02 5.06
CA ARG B 74 24.77 -12.49 3.81
C ARG B 74 24.75 -14.02 3.75
N ARG B 75 25.75 -14.64 4.32
CA ARG B 75 25.85 -16.10 4.29
C ARG B 75 24.67 -16.74 5.00
N LYS B 76 24.19 -16.06 6.07
CA LYS B 76 23.02 -16.51 6.78
C LYS B 76 21.72 -16.11 6.05
N TRP B 77 21.66 -14.84 5.63
CA TRP B 77 20.43 -14.30 5.11
C TRP B 77 19.99 -15.02 3.85
N VAL B 78 20.95 -15.45 3.04
CA VAL B 78 20.61 -16.07 1.75
C VAL B 78 19.78 -17.35 1.92
N GLN B 79 19.85 -17.99 3.08
CA GLN B 79 19.04 -19.20 3.32
C GLN B 79 17.53 -18.91 3.19
N ARG B 80 17.14 -17.67 3.49
CA ARG B 80 15.71 -17.33 3.39
C ARG B 80 15.28 -17.43 1.93
N ILE B 81 16.18 -16.97 1.01
CA ILE B 81 15.87 -17.03 -0.42
C ILE B 81 15.81 -18.46 -0.89
N LEU B 82 16.78 -19.26 -0.41
CA LEU B 82 16.73 -20.69 -0.72
C LEU B 82 15.48 -21.37 -0.19
N ASP B 83 15.02 -20.96 1.00
CA ASP B 83 13.83 -21.55 1.55
C ASP B 83 12.61 -21.27 0.68
N HIS B 84 12.43 -20.06 0.19
CA HIS B 84 11.27 -19.77 -0.64
C HIS B 84 11.44 -20.20 -2.10
N ASP B 85 12.60 -20.02 -2.70
CA ASP B 85 12.73 -20.33 -4.12
C ASP B 85 13.01 -21.81 -4.40
N GLY B 86 13.60 -22.52 -3.44
N GLY B 86 13.52 -22.50 -3.38
CA GLY B 86 14.10 -23.87 -3.52
CA GLY B 86 13.91 -23.88 -3.41
C GLY B 86 15.63 -23.94 -3.50
C GLY B 86 15.10 -24.10 -4.32
N SER B 87 16.19 -25.11 -3.27
N SER B 87 15.67 -25.30 -4.26
CA SER B 87 17.61 -25.42 -3.30
CA SER B 87 16.64 -25.69 -5.27
C SER B 87 17.86 -26.65 -4.18
C SER B 87 16.05 -26.80 -6.15
N HIS B 88 18.84 -26.57 -5.07
N HIS B 88 15.88 -26.53 -7.43
CA HIS B 88 19.26 -27.62 -5.97
CA HIS B 88 15.45 -27.30 -8.57
C HIS B 88 18.09 -28.35 -6.63
C HIS B 88 14.25 -28.23 -8.34
N GLY B 89 17.14 -27.59 -7.14
N GLY B 89 13.09 -27.87 -8.87
CA GLY B 89 15.96 -28.10 -7.83
CA GLY B 89 11.85 -28.60 -8.94
C GLY B 89 14.73 -28.31 -6.96
C GLY B 89 10.66 -27.98 -8.23
N GLU B 90 14.97 -28.84 -5.77
N GLU B 90 9.96 -28.82 -7.47
CA GLU B 90 13.94 -29.29 -4.83
CA GLU B 90 8.82 -28.53 -6.63
C GLU B 90 13.01 -28.12 -4.55
C GLU B 90 9.21 -28.06 -5.23
N ASP B 91 11.72 -28.17 -4.22
N ASP B 91 10.52 -28.01 -5.00
CA ASP B 91 10.94 -26.98 -4.63
CA ASP B 91 11.17 -27.43 -3.87
C ASP B 91 10.80 -25.75 -3.75
C ASP B 91 10.73 -25.97 -3.70
N GLY B 92 10.68 -25.65 -2.43
CA GLY B 92 10.62 -24.45 -1.71
C GLY B 92 9.24 -23.95 -1.39
N GLY B 93 9.26 -22.83 -0.66
CA GLY B 93 8.02 -22.27 -0.14
C GLY B 93 7.02 -21.74 -1.12
N ILE B 94 7.56 -21.15 -2.18
CA ILE B 94 6.64 -20.63 -3.22
C ILE B 94 5.86 -21.78 -3.86
N GLU B 95 6.56 -22.89 -4.11
CA GLU B 95 5.92 -24.08 -4.68
C GLU B 95 4.92 -24.66 -3.70
N ALA B 96 5.28 -24.67 -2.41
CA ALA B 96 4.35 -25.17 -1.38
C ALA B 96 3.12 -24.27 -1.34
N TRP B 97 3.26 -22.97 -1.52
CA TRP B 97 2.05 -22.12 -1.59
C TRP B 97 1.20 -22.39 -2.82
N LEU B 98 1.85 -22.61 -3.98
CA LEU B 98 1.06 -23.08 -5.12
C LEU B 98 0.33 -24.36 -4.80
N ARG B 99 0.88 -25.30 -4.05
CA ARG B 99 0.15 -26.53 -3.71
C ARG B 99 -0.99 -26.24 -2.77
N LEU B 100 -0.83 -25.26 -1.89
CA LEU B 100 -1.95 -24.80 -1.06
C LEU B 100 -3.04 -24.25 -1.97
N GLY B 101 -2.69 -23.46 -2.99
CA GLY B 101 -3.64 -22.97 -3.97
C GLY B 101 -4.43 -24.14 -4.54
N GLU B 102 -3.76 -25.18 -5.00
CA GLU B 102 -4.41 -26.35 -5.57
C GLU B 102 -5.31 -27.05 -4.56
N ALA B 103 -4.85 -27.11 -3.32
CA ALA B 103 -5.60 -27.78 -2.25
C ALA B 103 -6.89 -27.07 -1.89
N VAL B 104 -6.98 -25.78 -2.19
CA VAL B 104 -8.23 -25.08 -1.96
C VAL B 104 -9.05 -24.83 -3.22
N GLY B 105 -8.64 -25.37 -4.35
CA GLY B 105 -9.43 -25.35 -5.55
C GLY B 105 -8.94 -24.36 -6.60
N LEU B 106 -7.76 -23.81 -6.47
CA LEU B 106 -7.24 -22.87 -7.46
C LEU B 106 -6.11 -23.48 -8.28
N SER B 107 -6.07 -23.11 -9.55
CA SER B 107 -4.98 -23.62 -10.37
C SER B 107 -3.70 -22.84 -10.14
N ARG B 108 -2.60 -23.44 -10.61
CA ARG B 108 -1.35 -22.71 -10.52
C ARG B 108 -1.48 -21.40 -11.28
N ASP B 109 -2.15 -21.44 -12.43
CA ASP B 109 -2.22 -20.19 -13.18
C ASP B 109 -3.00 -19.10 -12.46
N ASP B 110 -4.02 -19.54 -11.70
CA ASP B 110 -4.76 -18.58 -10.91
C ASP B 110 -3.86 -17.76 -9.99
N LEU B 111 -2.89 -18.44 -9.39
CA LEU B 111 -1.93 -17.77 -8.50
C LEU B 111 -0.84 -17.08 -9.28
N LEU B 112 -0.22 -17.75 -10.23
CA LEU B 112 0.94 -17.20 -10.95
C LEU B 112 0.60 -15.98 -11.81
N SER B 113 -0.63 -15.94 -12.34
CA SER B 113 -1.05 -14.78 -13.11
C SER B 113 -1.18 -13.49 -12.28
N GLU B 114 -1.34 -13.61 -10.99
CA GLU B 114 -1.52 -12.55 -10.00
C GLU B 114 -2.71 -11.70 -10.29
N ARG B 115 -3.63 -12.15 -11.13
CA ARG B 115 -4.77 -11.38 -11.59
C ARG B 115 -5.75 -11.16 -10.43
N HIS B 116 -5.73 -11.98 -9.40
CA HIS B 116 -6.69 -11.82 -8.31
C HIS B 116 -6.13 -10.93 -7.22
N VAL B 117 -4.89 -10.50 -7.34
CA VAL B 117 -4.29 -9.70 -6.28
C VAL B 117 -4.87 -8.29 -6.26
N LEU B 118 -5.52 -8.00 -5.15
CA LEU B 118 -6.18 -6.73 -4.97
C LEU B 118 -5.20 -5.57 -4.81
N PRO B 119 -5.53 -4.41 -5.31
CA PRO B 119 -4.58 -3.30 -5.20
C PRO B 119 -4.18 -3.01 -3.76
N GLY B 120 -5.10 -3.10 -2.81
CA GLY B 120 -4.76 -2.80 -1.41
C GLY B 120 -3.73 -3.77 -0.88
N VAL B 121 -3.83 -5.03 -1.33
CA VAL B 121 -2.84 -6.02 -0.97
C VAL B 121 -1.49 -5.68 -1.62
N ARG B 122 -1.54 -5.37 -2.90
CA ARG B 122 -0.33 -4.99 -3.62
C ARG B 122 0.38 -3.82 -2.98
N PHE B 123 -0.35 -2.76 -2.64
CA PHE B 123 0.35 -1.58 -2.12
C PHE B 123 1.00 -1.83 -0.76
N ALA B 124 0.31 -2.63 0.07
CA ALA B 124 0.87 -2.97 1.37
C ALA B 124 2.11 -3.81 1.23
N VAL B 125 2.07 -4.85 0.42
CA VAL B 125 3.21 -5.73 0.19
C VAL B 125 4.34 -4.96 -0.47
N ASP B 126 4.04 -4.14 -1.46
CA ASP B 126 5.11 -3.38 -2.10
C ASP B 126 5.75 -2.41 -1.11
N ALA B 127 5.01 -1.95 -0.12
CA ALA B 127 5.60 -1.07 0.89
C ALA B 127 6.73 -1.79 1.63
N TYR B 128 6.54 -3.09 1.84
CA TYR B 128 7.59 -3.89 2.50
C TYR B 128 8.86 -3.94 1.65
N LEU B 129 8.67 -4.29 0.38
CA LEU B 129 9.78 -4.33 -0.54
C LEU B 129 10.52 -2.99 -0.62
N ASN B 130 9.72 -1.94 -0.70
CA ASN B 130 10.37 -0.64 -0.90
CA ASN B 130 10.32 -0.61 -0.86
C ASN B 130 11.12 -0.23 0.35
N PHE B 131 10.60 -0.55 1.53
CA PHE B 131 11.35 -0.32 2.78
C PHE B 131 12.64 -1.08 2.75
N ALA B 132 12.62 -2.37 2.38
CA ALA B 132 13.84 -3.17 2.29
C ALA B 132 14.87 -2.64 1.30
N ARG B 133 14.38 -2.05 0.23
CA ARG B 133 15.29 -1.50 -0.77
CA ARG B 133 15.23 -1.45 -0.78
C ARG B 133 15.98 -0.22 -0.28
N ARG B 134 15.29 0.56 0.56
CA ARG B 134 15.79 1.90 0.86
CA ARG B 134 15.80 1.89 0.87
C ARG B 134 16.40 2.04 2.26
N ALA B 135 15.88 1.30 3.22
CA ALA B 135 16.42 1.44 4.59
C ALA B 135 17.78 0.77 4.73
N CYS B 136 18.49 1.10 5.81
CA CYS B 136 19.75 0.41 6.09
C CYS B 136 19.43 -1.08 6.32
N TRP B 137 20.45 -1.91 6.02
CA TRP B 137 20.18 -3.35 6.04
C TRP B 137 19.75 -3.82 7.42
N GLN B 138 20.28 -3.21 8.49
CA GLN B 138 19.92 -3.73 9.79
C GLN B 138 18.44 -3.53 10.07
N GLU B 139 17.97 -2.33 9.71
CA GLU B 139 16.57 -1.99 9.95
C GLU B 139 15.67 -2.89 9.10
N ALA B 140 16.04 -3.03 7.84
CA ALA B 140 15.25 -3.87 6.95
C ALA B 140 15.27 -5.32 7.43
N ALA B 141 16.44 -5.83 7.81
CA ALA B 141 16.47 -7.21 8.28
C ALA B 141 15.58 -7.39 9.50
N CYS B 142 15.59 -6.46 10.44
CA CYS B 142 14.85 -6.64 11.67
C CYS B 142 13.35 -6.51 11.47
N SER B 143 12.89 -5.90 10.40
CA SER B 143 11.46 -5.80 10.11
C SER B 143 10.85 -7.16 9.79
N SER B 144 11.67 -8.18 9.63
CA SER B 144 11.24 -9.57 9.57
C SER B 144 10.64 -10.07 10.87
N LEU B 145 10.84 -9.39 11.98
CA LEU B 145 10.57 -10.02 13.28
C LEU B 145 9.12 -10.19 13.68
N THR B 146 8.17 -9.88 12.78
CA THR B 146 6.83 -10.42 13.00
C THR B 146 6.86 -11.94 12.91
N GLU B 147 7.91 -12.56 12.35
CA GLU B 147 8.11 -14.01 12.40
C GLU B 147 8.13 -14.53 13.82
N LEU B 148 8.39 -13.68 14.81
CA LEU B 148 8.27 -14.05 16.19
C LEU B 148 6.90 -14.64 16.49
N PHE B 149 5.89 -14.16 15.77
CA PHE B 149 4.51 -14.51 16.09
C PHE B 149 3.90 -15.52 15.13
N ALA B 150 4.67 -15.84 14.09
CA ALA B 150 4.13 -16.62 13.00
C ALA B 150 3.92 -18.09 13.34
N PRO B 151 4.82 -18.74 14.04
CA PRO B 151 4.50 -20.15 14.38
C PRO B 151 3.15 -20.32 15.04
N GLN B 152 2.75 -19.40 15.91
CA GLN B 152 1.42 -19.54 16.53
C GLN B 152 0.31 -19.47 15.51
N ILE B 153 0.46 -18.64 14.49
CA ILE B 153 -0.65 -18.49 13.56
C ILE B 153 -0.64 -19.65 12.60
N HIS B 154 0.52 -20.12 12.17
CA HIS B 154 0.59 -21.33 11.37
C HIS B 154 -0.04 -22.53 12.09
N GLN B 155 0.28 -22.69 13.36
CA GLN B 155 -0.25 -23.80 14.15
C GLN B 155 -1.76 -23.66 14.30
N SER B 156 -2.23 -22.40 14.37
CA SER B 156 -3.68 -22.25 14.49
C SER B 156 -4.40 -22.83 13.29
N ARG B 157 -3.83 -22.65 12.11
CA ARG B 157 -4.48 -23.12 10.88
C ARG B 157 -4.41 -24.64 10.82
N LEU B 158 -3.24 -25.17 11.20
CA LEU B 158 -3.11 -26.61 11.24
C LEU B 158 -4.09 -27.26 12.19
N ASP B 159 -4.40 -26.56 13.27
CA ASP B 159 -5.31 -27.07 14.28
C ASP B 159 -6.79 -26.96 13.92
N SER B 160 -7.18 -25.89 13.22
N SER B 160 -7.18 -25.87 13.24
CA SER B 160 -8.59 -25.59 13.01
CA SER B 160 -8.60 -25.64 12.99
C SER B 160 -9.13 -25.89 11.62
C SER B 160 -9.06 -26.10 11.61
N TRP B 161 -8.35 -25.69 10.58
CA TRP B 161 -8.81 -25.88 9.21
C TRP B 161 -9.21 -27.31 8.88
N PRO B 162 -8.48 -28.32 9.31
CA PRO B 162 -8.90 -29.68 8.89
C PRO B 162 -10.33 -30.00 9.28
N GLN B 163 -10.79 -29.57 10.46
N GLN B 163 -10.71 -29.54 10.47
CA GLN B 163 -12.19 -29.97 10.71
CA GLN B 163 -12.07 -29.87 10.95
C GLN B 163 -13.20 -28.97 10.23
C GLN B 163 -13.12 -28.97 10.32
N HIS B 164 -12.86 -27.67 10.14
CA HIS B 164 -13.85 -26.75 9.56
C HIS B 164 -13.97 -26.86 8.05
N TYR B 165 -12.88 -27.14 7.36
CA TYR B 165 -12.83 -27.18 5.90
C TYR B 165 -12.22 -28.49 5.44
N PRO B 166 -12.93 -29.60 5.59
CA PRO B 166 -12.36 -30.89 5.22
C PRO B 166 -12.08 -31.00 3.73
N TRP B 167 -12.61 -30.10 2.94
CA TRP B 167 -12.41 -30.13 1.48
C TRP B 167 -11.04 -29.60 1.12
N ILE B 168 -10.34 -28.96 2.05
CA ILE B 168 -8.99 -28.54 1.72
C ILE B 168 -8.07 -29.75 1.74
N LYS B 169 -7.43 -30.03 0.63
CA LYS B 169 -6.58 -31.21 0.45
C LYS B 169 -5.37 -31.14 1.38
N GLU B 170 -5.03 -32.31 1.91
CA GLU B 170 -4.05 -32.36 3.00
CA GLU B 170 -3.98 -32.62 2.82
C GLU B 170 -2.70 -31.90 2.49
N GLU B 171 -2.41 -31.96 1.19
CA GLU B 171 -1.11 -31.47 0.75
C GLU B 171 -0.96 -29.99 1.04
N GLY B 172 -2.09 -29.31 1.14
CA GLY B 172 -2.18 -27.90 1.35
C GLY B 172 -1.49 -27.45 2.63
N TYR B 173 -1.36 -28.38 3.56
CA TYR B 173 -0.85 -27.94 4.85
C TYR B 173 0.66 -27.98 4.96
N PHE B 174 1.33 -28.41 3.90
CA PHE B 174 2.77 -28.58 3.99
C PHE B 174 3.45 -27.26 4.35
N PHE B 175 3.02 -26.17 3.70
CA PHE B 175 3.75 -24.91 3.88
C PHE B 175 3.68 -24.47 5.33
N PHE B 176 2.49 -24.46 5.90
CA PHE B 176 2.35 -24.04 7.30
C PHE B 176 3.23 -24.86 8.24
N ARG B 177 3.22 -26.18 8.00
CA ARG B 177 4.04 -27.05 8.82
C ARG B 177 5.51 -26.70 8.68
N SER B 178 5.97 -26.44 7.46
CA SER B 178 7.38 -26.15 7.22
CA SER B 178 7.37 -26.13 7.21
C SER B 178 7.79 -24.86 7.92
N ARG B 179 6.86 -23.93 8.07
CA ARG B 179 7.23 -22.65 8.70
C ARG B 179 7.36 -22.70 10.21
N LEU B 180 6.76 -23.72 10.83
CA LEU B 180 6.99 -23.81 12.29
C LEU B 180 8.46 -23.86 12.63
N SER B 181 9.26 -24.54 11.78
CA SER B 181 10.69 -24.59 12.07
CA SER B 181 10.69 -24.60 12.04
C SER B 181 11.44 -23.46 11.37
N GLN B 182 11.08 -23.14 10.12
CA GLN B 182 11.83 -22.08 9.44
C GLN B 182 11.73 -20.72 10.11
N ALA B 183 10.52 -20.36 10.54
CA ALA B 183 10.34 -19.06 11.19
C ALA B 183 11.18 -19.00 12.46
N ASN B 184 11.29 -20.13 13.17
N ASN B 184 11.28 -20.15 13.13
CA ASN B 184 12.09 -20.11 14.40
CA ASN B 184 12.03 -20.22 14.37
C ASN B 184 13.57 -19.95 14.09
C ASN B 184 13.53 -20.05 14.12
N ARG B 185 14.06 -20.64 13.06
CA ARG B 185 15.47 -20.45 12.71
CA ARG B 185 15.47 -20.46 12.73
C ARG B 185 15.70 -19.04 12.21
N ASP B 186 14.75 -18.49 11.51
CA ASP B 186 14.86 -17.10 11.04
C ASP B 186 15.02 -16.14 12.22
N VAL B 187 14.14 -16.24 13.20
CA VAL B 187 14.16 -15.29 14.31
C VAL B 187 15.37 -15.49 15.21
N GLU B 188 15.98 -16.66 15.23
CA GLU B 188 17.18 -16.76 16.08
CA GLU B 188 17.20 -16.80 16.01
C GLU B 188 18.23 -15.76 15.60
N HIS B 189 18.33 -15.60 14.27
CA HIS B 189 19.24 -14.60 13.74
C HIS B 189 18.69 -13.19 13.87
N GLY B 190 17.44 -13.01 13.45
CA GLY B 190 16.82 -11.70 13.51
C GLY B 190 16.84 -11.09 14.88
N LEU B 191 16.52 -11.87 15.89
N LEU B 191 16.51 -11.86 15.90
CA LEU B 191 16.51 -11.39 17.27
CA LEU B 191 16.58 -11.34 17.25
C LEU B 191 17.92 -11.17 17.80
C LEU B 191 18.02 -10.97 17.63
N ALA B 192 18.92 -11.89 17.33
CA ALA B 192 20.32 -11.65 17.72
C ALA B 192 20.79 -10.34 17.13
N LEU B 193 20.37 -10.12 15.87
CA LEU B 193 20.76 -8.90 15.16
CA LEU B 193 20.78 -8.89 15.21
C LEU B 193 20.11 -7.69 15.83
N ALA B 194 18.81 -7.76 16.12
CA ALA B 194 18.14 -6.62 16.73
C ALA B 194 18.74 -6.28 18.10
N LYS B 195 19.09 -7.32 18.86
CA LYS B 195 19.52 -7.04 20.22
C LYS B 195 20.90 -6.44 20.20
N ALA B 196 21.65 -6.83 19.17
CA ALA B 196 22.99 -6.27 19.04
C ALA B 196 22.95 -4.86 18.47
N TYR B 197 22.07 -4.63 17.50
CA TYR B 197 22.07 -3.37 16.78
C TYR B 197 21.38 -2.27 17.55
N CYS B 198 20.26 -2.62 18.18
CA CYS B 198 19.40 -1.64 18.85
C CYS B 198 19.86 -1.45 20.29
N ASP B 199 20.96 -0.70 20.42
CA ASP B 199 21.68 -0.53 21.67
C ASP B 199 21.61 0.86 22.27
N SER B 200 20.66 1.65 21.77
CA SER B 200 20.36 2.95 22.32
C SER B 200 18.88 3.15 22.37
N ALA B 201 18.39 4.08 23.18
CA ALA B 201 16.95 4.31 23.21
C ALA B 201 16.45 4.77 21.85
N GLU B 202 17.31 5.57 21.21
CA GLU B 202 16.92 6.07 19.87
C GLU B 202 16.65 4.94 18.92
N LYS B 203 17.58 3.99 18.86
CA LYS B 203 17.44 2.88 17.94
C LYS B 203 16.30 1.97 18.36
N GLN B 204 16.05 1.81 19.65
CA GLN B 204 14.99 0.94 20.13
C GLN B 204 13.62 1.47 19.79
N ASN B 205 13.42 2.76 20.03
CA ASN B 205 12.14 3.38 19.68
C ASN B 205 11.94 3.28 18.17
N ARG B 206 12.99 3.55 17.39
CA ARG B 206 12.86 3.45 15.93
C ARG B 206 12.44 2.07 15.47
N MET B 207 13.07 1.07 16.04
CA MET B 207 12.80 -0.31 15.66
C MET B 207 11.40 -0.69 16.04
N LEU B 208 10.93 -0.22 17.20
CA LEU B 208 9.55 -0.54 17.53
C LEU B 208 8.55 0.05 16.52
N GLU B 209 8.87 1.27 16.03
CA GLU B 209 8.03 1.88 15.01
C GLU B 209 8.12 1.12 13.69
N ILE B 210 9.30 0.60 13.36
CA ILE B 210 9.47 -0.21 12.16
C ILE B 210 8.65 -1.48 12.30
N LEU B 211 8.66 -2.14 13.45
CA LEU B 211 7.87 -3.37 13.61
C LEU B 211 6.37 -3.07 13.50
N GLN B 212 5.98 -1.89 14.01
CA GLN B 212 4.59 -1.45 13.86
C GLN B 212 4.22 -1.28 12.40
N PHE B 213 5.13 -0.69 11.64
CA PHE B 213 4.96 -0.57 10.19
C PHE B 213 4.71 -1.93 9.56
N LYS B 214 5.54 -2.93 9.95
CA LYS B 214 5.32 -4.26 9.40
C LYS B 214 3.98 -4.84 9.80
N LEU B 215 3.62 -4.68 11.08
CA LEU B 215 2.29 -5.11 11.52
C LEU B 215 1.17 -4.44 10.71
N ASP B 216 1.33 -3.17 10.38
CA ASP B 216 0.35 -2.41 9.63
C ASP B 216 0.21 -2.98 8.20
N ILE B 217 1.33 -3.41 7.61
CA ILE B 217 1.27 -4.05 6.31
C ILE B 217 0.37 -5.28 6.38
N LEU B 218 0.60 -6.17 7.35
CA LEU B 218 -0.19 -7.37 7.45
C LEU B 218 -1.66 -7.09 7.68
N TRP B 219 -1.96 -6.14 8.57
CA TRP B 219 -3.35 -5.82 8.85
C TRP B 219 -4.04 -5.24 7.61
N SER B 220 -3.28 -4.38 6.89
CA SER B 220 -3.84 -3.74 5.70
CA SER B 220 -3.86 -3.74 5.71
C SER B 220 -4.12 -4.75 4.58
N MET B 221 -3.30 -5.81 4.47
CA MET B 221 -3.60 -6.83 3.47
CA MET B 221 -3.58 -6.86 3.50
C MET B 221 -4.97 -7.43 3.77
N LEU B 222 -5.22 -7.74 5.05
CA LEU B 222 -6.51 -8.34 5.41
C LEU B 222 -7.65 -7.34 5.26
N ASP B 223 -7.40 -6.06 5.49
CA ASP B 223 -8.47 -5.08 5.28
C ASP B 223 -8.94 -5.07 3.83
N ALA B 224 -8.01 -5.13 2.91
CA ALA B 224 -8.33 -5.16 1.49
C ALA B 224 -9.15 -6.38 1.17
N MET B 225 -8.84 -7.55 1.73
N MET B 225 -8.72 -7.55 1.67
CA MET B 225 -9.73 -8.60 1.19
CA MET B 225 -9.48 -8.79 1.48
C MET B 225 -10.99 -8.72 2.05
C MET B 225 -10.90 -8.68 2.04
N THR B 226 -11.02 -8.12 3.24
CA THR B 226 -12.30 -7.89 3.89
C THR B 226 -13.26 -7.11 2.98
N MET B 227 -12.74 -5.98 2.47
CA MET B 227 -13.60 -5.15 1.60
C MET B 227 -14.07 -5.92 0.37
N ALA B 228 -13.16 -6.65 -0.29
CA ALA B 228 -13.52 -7.36 -1.51
C ALA B 228 -14.35 -8.61 -1.26
N TYR B 229 -14.00 -9.46 -0.28
CA TYR B 229 -14.59 -10.76 -0.15
C TYR B 229 -15.58 -10.93 0.99
N ALA B 230 -15.58 -10.07 1.98
CA ALA B 230 -16.56 -10.13 3.06
C ALA B 230 -17.65 -9.07 2.90
N LEU B 231 -17.28 -7.89 2.37
CA LEU B 231 -18.24 -6.80 2.36
C LEU B 231 -18.80 -6.46 0.99
N GLN B 232 -18.46 -7.20 -0.04
N GLN B 232 -18.34 -7.21 0.02
CA GLN B 232 -19.09 -6.93 -1.35
CA GLN B 232 -18.72 -7.10 -1.40
C GLN B 232 -18.62 -5.59 -1.90
C GLN B 232 -18.60 -5.66 -1.86
N ARG B 233 -17.42 -5.14 -1.52
CA ARG B 233 -16.94 -3.84 -1.99
C ARG B 233 -15.56 -3.91 -2.63
N PRO B 234 -15.38 -4.80 -3.60
CA PRO B 234 -14.10 -4.82 -4.31
C PRO B 234 -13.95 -3.55 -5.14
N PRO B 235 -12.75 -3.27 -5.60
CA PRO B 235 -12.53 -2.05 -6.38
C PRO B 235 -13.52 -1.93 -7.54
N TYR B 236 -14.10 -0.74 -7.67
CA TYR B 236 -14.90 -0.34 -8.79
C TYR B 236 -16.28 -1.02 -8.80
N HIS B 237 -16.72 -1.53 -7.64
CA HIS B 237 -17.97 -2.31 -7.59
C HIS B 237 -19.18 -1.48 -7.99
N THR B 238 -19.10 -0.17 -7.83
CA THR B 238 -20.21 0.68 -8.24
C THR B 238 -20.31 0.91 -9.74
N VAL B 239 -19.26 0.54 -10.48
CA VAL B 239 -19.21 0.82 -11.90
CA VAL B 239 -19.26 0.82 -11.91
C VAL B 239 -19.15 -0.46 -12.72
N THR B 240 -18.65 -1.55 -12.19
CA THR B 240 -18.51 -2.80 -12.94
C THR B 240 -18.51 -4.02 -12.02
N ASP B 241 -18.93 -5.16 -12.51
CA ASP B 241 -18.91 -6.45 -11.83
CA ASP B 241 -18.91 -6.45 -11.83
C ASP B 241 -17.67 -7.30 -12.16
N LYS B 242 -16.83 -6.77 -13.04
CA LYS B 242 -15.61 -7.38 -13.49
C LYS B 242 -14.42 -6.81 -12.74
N ALA B 243 -13.34 -7.55 -12.70
CA ALA B 243 -12.10 -7.06 -12.10
C ALA B 243 -11.48 -6.05 -13.05
N ALA B 244 -11.15 -4.85 -12.62
CA ALA B 244 -10.59 -3.81 -13.48
C ALA B 244 -9.30 -3.21 -12.96
N TRP B 245 -8.80 -3.69 -11.82
CA TRP B 245 -7.56 -3.17 -11.25
C TRP B 245 -6.36 -3.56 -12.09
N HIS B 246 -5.28 -2.82 -11.90
CA HIS B 246 -4.04 -3.19 -12.57
C HIS B 246 -3.47 -4.50 -11.99
N THR B 247 -2.73 -5.24 -12.80
CA THR B 247 -2.32 -6.60 -12.46
C THR B 247 -0.84 -6.84 -12.73
N THR B 248 -0.11 -5.75 -12.84
CA THR B 248 1.29 -5.79 -13.26
C THR B 248 2.22 -5.17 -12.21
N ARG B 249 3.36 -5.80 -11.94
CA ARG B 249 4.43 -5.19 -11.14
C ARG B 249 5.14 -4.21 -12.06
N LEU B 250 4.56 -3.00 -12.17
CA LEU B 250 4.95 -2.16 -13.28
C LEU B 250 6.41 -1.79 -13.32
N VAL B 251 7.07 -1.62 -12.18
CA VAL B 251 8.48 -1.21 -12.28
C VAL B 251 9.42 -2.39 -12.43
N LEU B 252 8.92 -3.61 -12.32
CA LEU B 252 9.76 -4.79 -12.50
C LEU B 252 9.46 -5.60 -13.75
N GLU B 253 8.34 -5.38 -14.41
CA GLU B 253 8.00 -6.12 -15.61
CA GLU B 253 8.09 -6.11 -15.66
C GLU B 253 7.28 -5.18 -16.57
N HIS B 254 7.46 -5.32 -17.87
CA HIS B 254 6.77 -4.37 -18.79
C HIS B 254 5.26 -4.57 -18.78
N HIS B 255 4.96 -5.86 -18.78
CA HIS B 255 3.64 -6.47 -18.80
C HIS B 255 3.70 -7.91 -18.28
N1 PQQ C . -3.20 14.58 -8.84
C2 PQQ C . -2.00 15.19 -8.93
C2X PQQ C . -1.04 14.52 -9.61
O2A PQQ C . -1.05 13.27 -9.94
O2B PQQ C . 0.11 14.99 -9.91
C3 PQQ C . -1.95 16.46 -8.40
C3A PQQ C . -3.28 16.55 -7.81
C1A PQQ C . -4.03 15.44 -8.10
C4 PQQ C . -3.76 17.46 -6.90
O4 PQQ C . -3.07 18.58 -6.52
C5 PQQ C . -5.09 17.34 -6.31
O5 PQQ C . -5.63 18.17 -5.38
C6A PQQ C . -5.89 16.18 -6.78
N6 PQQ C . -7.11 16.19 -6.25
C7 PQQ C . -7.88 15.18 -6.60
C7X PQQ C . -9.14 15.17 -5.90
O7A PQQ C . -9.46 16.13 -5.03
O7B PQQ C . -10.06 14.29 -6.13
C8 PQQ C . -7.54 14.14 -7.40
C9 PQQ C . -6.24 14.16 -7.95
C9X PQQ C . -6.02 13.15 -8.98
O9A PQQ C . -6.86 12.74 -9.83
O9B PQQ C . -4.81 12.49 -8.95
C9A PQQ C . -5.31 15.23 -7.72
C1 GOL D . 2.50 22.19 -17.40
O1 GOL D . 2.86 23.51 -16.99
C2 GOL D . 2.50 21.33 -16.15
O2 GOL D . 3.34 20.17 -16.25
C3 GOL D . 2.87 22.23 -15.01
O3 GOL D . 1.30 23.63 -15.31
C1 GOL E . -15.57 -9.32 9.17
O1 GOL E . -16.37 -8.93 8.05
C2 GOL E . -14.55 -10.33 8.69
O2 GOL E . -13.65 -9.66 7.80
C3 GOL E . -15.26 -11.49 7.98
O3 GOL E . -16.42 -11.82 8.76
CL CL F . -6.32 18.58 -9.19
C1 GOL G . -14.99 10.46 -17.12
O1 GOL G . -16.35 10.17 -16.88
C2 GOL G . -14.87 11.98 -17.23
O2 GOL G . -14.53 12.43 -15.92
C3 GOL G . -16.24 12.61 -17.51
O3 GOL G . -16.46 12.41 -18.91
C1 GOL H . 12.96 1.18 -16.46
O1 GOL H . 11.84 0.30 -16.55
C2 GOL H . 12.46 2.61 -16.50
O2 GOL H . 13.24 3.16 -14.62
C3 GOL H . 14.45 3.90 -16.93
O3 GOL H . 13.94 4.85 -16.02
C1 GOL I . -0.01 6.51 -37.13
O1 GOL I . 0.61 4.68 -36.27
C2 GOL I . -0.79 6.97 -35.91
O2 GOL I . -2.48 5.76 -36.27
C3 GOL I . -1.50 8.29 -36.20
O3 GOL I . -0.47 9.23 -36.56
N1 PQQ J . 7.38 -12.98 7.19
C2 PQQ J . 8.62 -13.13 6.43
C2X PQQ J . 9.59 -12.06 6.49
O2A PQQ J . 9.16 -10.90 6.91
O2B PQQ J . 10.70 -12.13 5.97
C3 PQQ J . 8.67 -14.35 5.84
C3A PQQ J . 7.42 -14.99 6.04
C1A PQQ J . 6.68 -14.12 6.91
C4 PQQ J . 6.88 -16.10 5.59
O4 PQQ J . 7.48 -16.92 4.82
C5 PQQ J . 5.59 -16.36 5.76
O5 PQQ J . 4.89 -17.46 5.30
C6A PQQ J . 4.83 -15.63 6.80
N6 PQQ J . 3.52 -16.01 7.03
C7 PQQ J . 2.74 -15.33 7.94
C7X PQQ J . 1.44 -15.83 8.04
O7A PQQ J . 1.07 -16.89 7.48
O7B PQQ J . 0.62 -15.28 8.84
C8 PQQ J . 3.21 -14.16 8.57
C9 PQQ J . 4.54 -13.69 8.25
C9X PQQ J . 4.98 -12.50 8.94
O9A PQQ J . 4.63 -12.44 10.20
O9B PQQ J . 5.61 -11.52 8.36
C9A PQQ J . 5.39 -14.36 7.32
C1 GOL K . 18.01 -16.30 8.24
O1 GOL K . 18.46 -15.07 8.81
C2 GOL K . 19.06 -17.36 8.54
O2 GOL K . 18.76 -17.75 9.88
C3 GOL K . 18.00 -19.42 7.88
O3 GOL K . 16.96 -19.05 8.79
C1 GOL L . -20.24 3.17 2.37
O1 GOL L . -20.41 2.37 4.31
C2 GOL L . -19.26 4.25 2.73
O2 GOL L . -18.04 4.16 2.00
C3 GOL L . -19.86 5.62 2.51
O3 GOL L . -19.58 6.30 3.73
CL CL M . 6.62 -17.67 8.80
C1 GOL N . 19.01 2.98 -6.54
O1 GOL N . 16.91 2.85 -6.40
C2 GOL N . 18.40 4.29 -4.63
O2 GOL N . 20.02 5.30 -5.58
C3 GOL N . 17.38 5.27 -5.08
O3 GOL N . 16.22 5.17 -4.24
C1 GOL O . 25.38 1.47 11.68
O1 GOL O . 25.49 2.03 9.64
C2 GOL O . 27.25 0.27 10.74
O2 GOL O . 27.75 1.52 10.33
C3 GOL O . 26.67 -0.49 9.56
O3 GOL O . 27.48 -1.65 9.43
C1 GOL P . -13.57 -8.78 -6.91
O1 GOL P . -12.92 -9.88 -6.27
C2 GOL P . -14.84 -9.31 -7.56
O2 GOL P . -13.93 -9.75 -9.41
C3 GOL P . -15.49 -7.55 -9.08
O3 GOL P . -14.10 -7.47 -9.43
#